data_1KUW
#
_entry.id   1KUW
#
_entity_poly.entity_id   1
_entity_poly.type   'polypeptide(L)'
_entity_poly.pdbx_seq_one_letter_code
;SNNFGAILSS
;
_entity_poly.pdbx_strand_id   A
#
# COMPACT_ATOMS: atom_id res chain seq x y z
N SER A 1 0.37 -3.20 -5.24
CA SER A 1 -0.07 -3.60 -3.88
C SER A 1 0.93 -4.59 -3.27
N ASN A 2 1.54 -4.23 -2.17
CA ASN A 2 2.53 -5.14 -1.54
C ASN A 2 2.35 -5.14 -0.01
N ASN A 3 2.78 -4.10 0.65
CA ASN A 3 2.65 -4.04 2.14
C ASN A 3 3.31 -2.77 2.67
N PHE A 4 2.85 -1.63 2.25
CA PHE A 4 3.45 -0.34 2.72
C PHE A 4 2.35 0.72 2.76
N GLY A 5 2.55 1.84 2.13
CA GLY A 5 1.50 2.90 2.13
C GLY A 5 0.85 2.97 0.74
N ALA A 6 1.28 2.13 -0.17
CA ALA A 6 0.70 2.15 -1.53
C ALA A 6 -0.56 1.30 -1.58
N ILE A 7 -0.60 0.33 -0.75
CA ILE A 7 -1.74 -0.59 -0.68
C ILE A 7 -2.80 -0.03 0.29
N LEU A 8 -2.43 0.98 1.03
CA LEU A 8 -3.40 1.61 1.97
C LEU A 8 -4.10 2.79 1.28
N SER A 9 -3.58 3.21 0.17
CA SER A 9 -4.21 4.34 -0.58
C SER A 9 -5.26 3.81 -1.55
N SER A 10 -4.85 3.23 -2.64
CA SER A 10 -5.82 2.69 -3.62
C SER A 10 -5.16 1.56 -4.44
N SER A 1 0.71 -6.19 -5.41
CA SER A 1 0.42 -6.62 -4.02
C SER A 1 1.61 -6.32 -3.11
N ASN A 2 1.68 -5.12 -2.60
CA ASN A 2 2.79 -4.73 -1.72
C ASN A 2 2.37 -4.81 -0.24
N ASN A 3 2.86 -3.94 0.59
CA ASN A 3 2.49 -3.95 2.02
C ASN A 3 3.12 -2.73 2.70
N PHE A 4 2.74 -1.56 2.26
CA PHE A 4 3.31 -0.31 2.84
C PHE A 4 2.23 0.79 2.80
N GLY A 5 2.48 1.89 2.14
CA GLY A 5 1.46 2.96 2.07
C GLY A 5 0.83 2.97 0.67
N ALA A 6 1.31 2.15 -0.24
CA ALA A 6 0.73 2.12 -1.59
C ALA A 6 -0.51 1.25 -1.63
N ILE A 7 -0.53 0.28 -0.78
CA ILE A 7 -1.66 -0.65 -0.67
C ILE A 7 -2.66 -0.10 0.35
N LEU A 8 -2.27 0.90 1.09
CA LEU A 8 -3.18 1.50 2.09
C LEU A 8 -4.10 2.53 1.45
N SER A 9 -3.65 3.74 1.38
CA SER A 9 -4.47 4.82 0.77
C SER A 9 -3.56 5.86 0.12
N SER A 10 -3.01 5.54 -1.03
CA SER A 10 -2.12 6.49 -1.73
C SER A 10 -2.13 6.21 -3.24
N SER A 1 1.46 -9.38 -3.31
CA SER A 1 1.22 -7.91 -3.46
C SER A 1 2.24 -7.11 -2.66
N ASN A 2 1.92 -5.90 -2.32
CA ASN A 2 2.86 -5.06 -1.55
C ASN A 2 2.49 -5.08 -0.06
N ASN A 3 2.84 -4.04 0.66
CA ASN A 3 2.50 -3.98 2.12
C ASN A 3 3.14 -2.73 2.74
N PHE A 4 2.77 -1.57 2.26
CA PHE A 4 3.34 -0.31 2.79
C PHE A 4 2.26 0.77 2.78
N GLY A 5 2.49 1.88 2.12
CA GLY A 5 1.44 2.94 2.07
C GLY A 5 0.81 2.97 0.68
N ALA A 6 1.29 2.16 -0.23
CA ALA A 6 0.73 2.15 -1.61
C ALA A 6 -0.53 1.30 -1.65
N ILE A 7 -0.56 0.31 -0.84
CA ILE A 7 -1.72 -0.59 -0.76
C ILE A 7 -2.71 -0.05 0.27
N LEU A 8 -2.26 0.86 1.09
CA LEU A 8 -3.16 1.46 2.12
C LEU A 8 -3.90 2.68 1.56
N SER A 9 -4.34 2.61 0.34
CA SER A 9 -5.07 3.78 -0.25
C SER A 9 -6.05 3.29 -1.33
N SER A 10 -5.54 2.70 -2.37
CA SER A 10 -6.42 2.22 -3.46
C SER A 10 -5.77 1.04 -4.18
N SER A 1 -0.95 -7.76 -3.63
CA SER A 1 -0.47 -6.35 -3.59
C SER A 1 0.85 -6.26 -2.83
N ASN A 2 1.18 -5.09 -2.33
CA ASN A 2 2.45 -4.94 -1.58
C ASN A 2 2.19 -4.97 -0.07
N ASN A 3 2.66 -3.99 0.66
CA ASN A 3 2.43 -3.97 2.14
C ASN A 3 3.09 -2.72 2.74
N PHE A 4 2.69 -1.57 2.27
CA PHE A 4 3.29 -0.30 2.80
C PHE A 4 2.23 0.80 2.78
N GLY A 5 2.48 1.89 2.10
CA GLY A 5 1.45 2.98 2.04
C GLY A 5 0.82 3.02 0.65
N ALA A 6 1.29 2.20 -0.26
CA ALA A 6 0.73 2.19 -1.63
C ALA A 6 -0.52 1.32 -1.67
N ILE A 7 -0.53 0.33 -0.85
CA ILE A 7 -1.68 -0.59 -0.78
C ILE A 7 -2.66 -0.08 0.28
N LEU A 8 -2.20 0.78 1.12
CA LEU A 8 -3.07 1.36 2.18
C LEU A 8 -3.67 2.68 1.69
N SER A 9 -3.13 3.22 0.64
CA SER A 9 -3.66 4.50 0.08
C SER A 9 -4.76 4.22 -0.95
N SER A 10 -5.68 3.35 -0.62
CA SER A 10 -6.77 3.03 -1.56
C SER A 10 -8.00 2.53 -0.79
N SER A 1 -1.22 -6.98 -4.55
CA SER A 1 -1.10 -6.23 -3.27
C SER A 1 0.37 -6.08 -2.87
N ASN A 2 0.63 -5.34 -1.84
CA ASN A 2 2.03 -5.16 -1.38
C ASN A 2 2.09 -5.17 0.15
N ASN A 3 2.63 -4.14 0.76
CA ASN A 3 2.72 -4.08 2.25
C ASN A 3 3.48 -2.82 2.67
N PHE A 4 3.00 -1.68 2.29
CA PHE A 4 3.69 -0.41 2.63
C PHE A 4 2.65 0.69 2.84
N GLY A 5 2.70 1.74 2.05
CA GLY A 5 1.70 2.84 2.18
C GLY A 5 0.91 2.97 0.87
N ALA A 6 1.24 2.17 -0.11
CA ALA A 6 0.56 2.24 -1.42
C ALA A 6 -0.68 1.36 -1.47
N ILE A 7 -0.68 0.35 -0.69
CA ILE A 7 -1.80 -0.59 -0.66
C ILE A 7 -2.95 0.01 0.17
N LEU A 8 -2.65 1.00 0.94
CA LEU A 8 -3.71 1.68 1.76
C LEU A 8 -4.40 2.77 0.94
N SER A 9 -4.25 2.76 -0.36
CA SER A 9 -4.90 3.81 -1.20
C SER A 9 -6.31 3.36 -1.62
N SER A 10 -6.83 2.33 -1.01
CA SER A 10 -8.18 1.85 -1.36
C SER A 10 -8.81 1.10 -0.18
N SER A 1 0.88 -6.21 -5.62
CA SER A 1 1.08 -6.94 -4.34
C SER A 1 2.17 -6.26 -3.50
N ASN A 2 1.78 -5.50 -2.51
CA ASN A 2 2.77 -4.82 -1.66
C ASN A 2 2.33 -4.86 -0.19
N ASN A 3 2.82 -3.96 0.62
CA ASN A 3 2.44 -3.93 2.04
C ASN A 3 3.08 -2.70 2.70
N PHE A 4 2.73 -1.53 2.24
CA PHE A 4 3.30 -0.28 2.80
C PHE A 4 2.23 0.81 2.76
N GLY A 5 2.51 1.92 2.15
CA GLY A 5 1.47 3.00 2.07
C GLY A 5 0.87 3.01 0.66
N ALA A 6 1.31 2.13 -0.20
CA ALA A 6 0.77 2.10 -1.58
C ALA A 6 -0.49 1.25 -1.63
N ILE A 7 -0.54 0.27 -0.80
CA ILE A 7 -1.69 -0.63 -0.72
C ILE A 7 -2.69 -0.09 0.30
N LEU A 8 -2.26 0.82 1.11
CA LEU A 8 -3.15 1.42 2.13
C LEU A 8 -3.82 2.68 1.56
N SER A 9 -3.34 3.15 0.45
CA SER A 9 -3.96 4.36 -0.18
C SER A 9 -5.11 3.95 -1.09
N SER A 10 -4.83 3.21 -2.14
CA SER A 10 -5.89 2.77 -3.07
C SER A 10 -5.48 1.48 -3.77
N SER A 1 2.31 -7.04 -5.75
CA SER A 1 2.61 -7.57 -4.39
C SER A 1 3.39 -6.53 -3.59
N ASN A 2 2.74 -5.87 -2.66
CA ASN A 2 3.43 -4.86 -1.83
C ASN A 2 2.96 -4.96 -0.39
N ASN A 3 3.29 -3.99 0.42
CA ASN A 3 2.85 -4.02 1.85
C ASN A 3 3.40 -2.78 2.59
N PHE A 4 3.02 -1.61 2.15
CA PHE A 4 3.50 -0.36 2.80
C PHE A 4 2.36 0.66 2.80
N GLY A 5 2.56 1.82 2.24
CA GLY A 5 1.46 2.82 2.20
C GLY A 5 0.80 2.82 0.81
N ALA A 6 1.30 2.01 -0.09
CA ALA A 6 0.72 1.95 -1.45
C ALA A 6 -0.54 1.10 -1.44
N ILE A 7 -0.61 0.23 -0.51
CA ILE A 7 -1.76 -0.68 -0.37
C ILE A 7 -2.88 0.04 0.42
N LEU A 8 -2.59 1.19 0.95
CA LEU A 8 -3.62 1.95 1.71
C LEU A 8 -4.49 2.79 0.76
N SER A 9 -4.41 2.54 -0.52
CA SER A 9 -5.23 3.33 -1.49
C SER A 9 -5.58 2.46 -2.70
N SER A 10 -5.95 1.22 -2.47
CA SER A 10 -6.31 0.34 -3.59
C SER A 10 -7.27 -0.77 -3.11
N SER A 1 5.62 -8.60 -3.92
CA SER A 1 4.31 -7.91 -3.70
C SER A 1 4.53 -6.60 -2.94
N ASN A 2 3.51 -6.09 -2.32
CA ASN A 2 3.66 -4.83 -1.56
C ASN A 2 2.90 -4.89 -0.24
N ASN A 3 3.13 -3.93 0.63
CA ASN A 3 2.45 -3.89 1.94
C ASN A 3 2.98 -2.67 2.72
N PHE A 4 2.76 -1.50 2.21
CA PHE A 4 3.25 -0.27 2.88
C PHE A 4 2.17 0.82 2.77
N GLY A 5 2.49 1.94 2.18
CA GLY A 5 1.45 3.01 2.04
C GLY A 5 0.87 2.98 0.63
N ALA A 6 1.33 2.09 -0.21
CA ALA A 6 0.81 2.02 -1.59
C ALA A 6 -0.46 1.19 -1.63
N ILE A 7 -0.52 0.24 -0.78
CA ILE A 7 -1.69 -0.65 -0.69
C ILE A 7 -2.67 -0.10 0.36
N LEU A 8 -2.24 0.84 1.13
CA LEU A 8 -3.12 1.45 2.15
C LEU A 8 -3.86 2.66 1.56
N SER A 9 -3.48 3.06 0.36
CA SER A 9 -4.17 4.20 -0.30
C SER A 9 -4.16 4.00 -1.82
N SER A 10 -3.01 4.08 -2.44
CA SER A 10 -2.93 3.89 -3.90
C SER A 10 -1.53 3.42 -4.30
N SER A 1 1.29 -7.40 -4.80
CA SER A 1 1.65 -8.00 -3.48
C SER A 1 2.53 -7.03 -2.68
N ASN A 2 1.99 -5.91 -2.30
CA ASN A 2 2.78 -4.92 -1.54
C ASN A 2 2.44 -5.00 -0.04
N ASN A 3 2.86 -4.03 0.72
CA ASN A 3 2.57 -4.00 2.17
C ASN A 3 3.18 -2.73 2.78
N PHE A 4 2.82 -1.60 2.26
CA PHE A 4 3.38 -0.32 2.78
C PHE A 4 2.26 0.74 2.77
N GLY A 5 2.48 1.86 2.13
CA GLY A 5 1.41 2.90 2.09
C GLY A 5 0.81 2.95 0.68
N ALA A 6 1.28 2.13 -0.23
CA ALA A 6 0.73 2.14 -1.60
C ALA A 6 -0.54 1.34 -1.68
N ILE A 7 -0.61 0.34 -0.88
CA ILE A 7 -1.79 -0.53 -0.82
C ILE A 7 -2.77 0.01 0.24
N LEU A 8 -2.29 0.88 1.07
CA LEU A 8 -3.16 1.48 2.13
C LEU A 8 -3.90 2.71 1.60
N SER A 9 -3.89 2.93 0.31
CA SER A 9 -4.59 4.11 -0.25
C SER A 9 -5.10 3.80 -1.66
N SER A 10 -5.70 2.65 -1.85
CA SER A 10 -6.23 2.28 -3.17
C SER A 10 -7.40 1.31 -3.03
N SER A 1 1.25 -9.76 -3.07
CA SER A 1 0.76 -9.12 -1.82
C SER A 1 1.35 -7.71 -1.67
N ASN A 2 1.22 -7.12 -0.52
CA ASN A 2 1.76 -5.77 -0.31
C ASN A 2 2.40 -5.67 1.08
N ASN A 3 2.80 -4.49 1.47
CA ASN A 3 3.44 -4.30 2.82
C ASN A 3 3.94 -2.86 2.96
N PHE A 4 3.23 -1.92 2.41
CA PHE A 4 3.65 -0.51 2.47
C PHE A 4 2.41 0.35 2.62
N GLY A 5 2.45 1.56 2.13
CA GLY A 5 1.25 2.43 2.23
C GLY A 5 0.77 2.76 0.82
N ALA A 6 1.11 1.94 -0.15
CA ALA A 6 0.67 2.20 -1.54
C ALA A 6 -0.73 1.69 -1.76
N ILE A 7 -1.05 0.64 -1.10
CA ILE A 7 -2.38 0.03 -1.21
C ILE A 7 -3.28 0.61 -0.11
N LEU A 8 -2.69 1.22 0.87
CA LEU A 8 -3.48 1.82 1.98
C LEU A 8 -3.91 3.26 1.63
N SER A 9 -3.77 3.66 0.39
CA SER A 9 -4.17 5.04 0.00
C SER A 9 -4.60 5.07 -1.46
N SER A 10 -3.66 5.05 -2.37
CA SER A 10 -4.01 5.10 -3.81
C SER A 10 -4.30 3.68 -4.33
N SER A 1 0.55 -8.43 -3.13
CA SER A 1 1.10 -7.39 -4.05
C SER A 1 2.16 -6.56 -3.34
N ASN A 2 1.79 -5.83 -2.33
CA ASN A 2 2.77 -5.02 -1.59
C ASN A 2 2.47 -5.06 -0.08
N ASN A 3 2.87 -4.05 0.64
CA ASN A 3 2.62 -4.01 2.12
C ASN A 3 3.24 -2.75 2.72
N PHE A 4 2.83 -1.60 2.24
CA PHE A 4 3.39 -0.34 2.77
C PHE A 4 2.27 0.72 2.77
N GLY A 5 2.48 1.86 2.14
CA GLY A 5 1.42 2.89 2.11
C GLY A 5 0.79 2.93 0.71
N ALA A 6 1.28 2.14 -0.20
CA ALA A 6 0.72 2.13 -1.58
C ALA A 6 -0.54 1.29 -1.62
N ILE A 7 -0.59 0.32 -0.80
CA ILE A 7 -1.74 -0.59 -0.71
C ILE A 7 -2.76 -0.01 0.28
N LEU A 8 -2.33 0.94 1.06
CA LEU A 8 -3.25 1.58 2.04
C LEU A 8 -4.02 2.73 1.38
N SER A 9 -3.86 2.93 0.10
CA SER A 9 -4.59 4.03 -0.59
C SER A 9 -4.83 3.66 -2.06
N SER A 10 -5.13 2.42 -2.32
CA SER A 10 -5.36 1.99 -3.72
C SER A 10 -6.81 2.24 -4.13
N SER A 1 -0.96 -8.70 -2.70
CA SER A 1 -0.59 -7.29 -3.02
C SER A 1 0.72 -6.92 -2.33
N ASN A 2 0.92 -5.66 -2.03
CA ASN A 2 2.17 -5.23 -1.36
C ASN A 2 1.94 -5.07 0.15
N ASN A 3 2.50 -4.05 0.77
CA ASN A 3 2.32 -3.86 2.24
C ASN A 3 3.24 -2.71 2.71
N PHE A 4 2.90 -1.51 2.36
CA PHE A 4 3.75 -0.35 2.77
C PHE A 4 2.86 0.87 3.00
N GLY A 5 2.72 1.67 1.99
CA GLY A 5 1.86 2.89 2.09
C GLY A 5 1.05 3.04 0.79
N ALA A 6 1.25 2.18 -0.18
CA ALA A 6 0.53 2.29 -1.46
C ALA A 6 -0.69 1.40 -1.53
N ILE A 7 -0.64 0.34 -0.81
CA ILE A 7 -1.75 -0.64 -0.81
C ILE A 7 -2.84 -0.18 0.16
N LEU A 8 -2.54 0.79 0.97
CA LEU A 8 -3.57 1.32 1.93
C LEU A 8 -4.44 2.38 1.26
N SER A 9 -4.26 2.62 -0.01
CA SER A 9 -5.10 3.65 -0.71
C SER A 9 -6.35 2.99 -1.29
N SER A 10 -6.19 1.95 -2.05
CA SER A 10 -7.36 1.26 -2.64
C SER A 10 -7.04 -0.21 -2.91
N SER A 1 0.03 -6.65 -4.23
CA SER A 1 0.98 -7.63 -3.63
C SER A 1 2.04 -6.90 -2.79
N ASN A 2 1.76 -5.67 -2.39
CA ASN A 2 2.73 -4.91 -1.58
C ASN A 2 2.33 -4.95 -0.10
N ASN A 3 2.79 -3.99 0.67
CA ASN A 3 2.45 -3.95 2.11
C ASN A 3 3.08 -2.71 2.74
N PHE A 4 2.74 -1.55 2.24
CA PHE A 4 3.32 -0.29 2.80
C PHE A 4 2.24 0.79 2.76
N GLY A 5 2.49 1.91 2.13
CA GLY A 5 1.46 2.98 2.07
C GLY A 5 0.85 3.01 0.65
N ALA A 6 1.30 2.16 -0.23
CA ALA A 6 0.75 2.13 -1.60
C ALA A 6 -0.51 1.30 -1.66
N ILE A 7 -0.56 0.31 -0.84
CA ILE A 7 -1.71 -0.59 -0.77
C ILE A 7 -2.71 -0.06 0.27
N LEU A 8 -2.23 0.80 1.11
CA LEU A 8 -3.11 1.39 2.16
C LEU A 8 -3.68 2.72 1.66
N SER A 9 -3.13 3.24 0.60
CA SER A 9 -3.64 4.52 0.04
C SER A 9 -4.75 4.25 -0.98
N SER A 10 -4.51 3.35 -1.91
CA SER A 10 -5.54 3.03 -2.91
C SER A 10 -5.32 1.62 -3.46
N SER A 1 -1.42 -6.76 -2.64
CA SER A 1 -0.42 -6.68 -3.74
C SER A 1 0.93 -6.21 -3.19
N ASN A 2 0.91 -5.39 -2.16
CA ASN A 2 2.17 -4.90 -1.58
C ASN A 2 2.09 -4.94 -0.04
N ASN A 3 2.78 -4.05 0.63
CA ASN A 3 2.74 -4.03 2.11
C ASN A 3 3.37 -2.76 2.67
N PHE A 4 2.91 -1.63 2.22
CA PHE A 4 3.48 -0.34 2.71
C PHE A 4 2.36 0.70 2.73
N GLY A 5 2.57 1.86 2.17
CA GLY A 5 1.49 2.88 2.16
C GLY A 5 0.87 2.94 0.77
N ALA A 6 1.29 2.06 -0.12
CA ALA A 6 0.75 2.06 -1.49
C ALA A 6 -0.54 1.26 -1.56
N ILE A 7 -0.65 0.31 -0.72
CA ILE A 7 -1.83 -0.57 -0.68
C ILE A 7 -2.88 0.03 0.27
N LEU A 8 -2.50 1.03 1.01
CA LEU A 8 -3.46 1.69 1.94
C LEU A 8 -4.12 2.88 1.24
N SER A 9 -3.58 3.28 0.12
CA SER A 9 -4.18 4.43 -0.63
C SER A 9 -5.24 3.93 -1.61
N SER A 10 -4.93 2.92 -2.37
CA SER A 10 -5.90 2.36 -3.33
C SER A 10 -5.61 0.89 -3.62
N SER A 1 -2.08 -5.28 -2.36
CA SER A 1 -1.07 -5.76 -3.35
C SER A 1 0.29 -5.93 -2.68
N ASN A 2 0.87 -4.87 -2.19
CA ASN A 2 2.19 -4.96 -1.53
C ASN A 2 2.02 -4.98 0.00
N ASN A 3 2.56 -4.01 0.71
CA ASN A 3 2.43 -3.99 2.19
C ASN A 3 3.11 -2.73 2.73
N PHE A 4 2.68 -1.58 2.29
CA PHE A 4 3.30 -0.31 2.77
C PHE A 4 2.24 0.80 2.77
N GLY A 5 2.49 1.88 2.08
CA GLY A 5 1.48 2.98 2.04
C GLY A 5 0.83 3.03 0.65
N ALA A 6 1.28 2.22 -0.27
CA ALA A 6 0.71 2.23 -1.62
C ALA A 6 -0.54 1.36 -1.68
N ILE A 7 -0.54 0.36 -0.88
CA ILE A 7 -1.68 -0.58 -0.79
C ILE A 7 -2.65 -0.09 0.27
N LEU A 8 -2.21 0.79 1.10
CA LEU A 8 -3.09 1.35 2.17
C LEU A 8 -3.72 2.66 1.69
N SER A 9 -3.24 3.17 0.60
CA SER A 9 -3.82 4.44 0.04
C SER A 9 -5.00 4.13 -0.88
N SER A 10 -4.98 2.99 -1.50
CA SER A 10 -6.09 2.62 -2.41
C SER A 10 -7.24 1.98 -1.64
N SER A 1 -2.10 -5.31 -2.33
CA SER A 1 -1.04 -5.61 -3.34
C SER A 1 0.30 -5.89 -2.65
N ASN A 2 0.93 -4.86 -2.16
CA ASN A 2 2.23 -5.05 -1.48
C ASN A 2 2.05 -5.06 0.05
N ASN A 3 2.46 -4.01 0.73
CA ASN A 3 2.31 -3.96 2.22
C ASN A 3 3.02 -2.71 2.76
N PHE A 4 2.62 -1.55 2.31
CA PHE A 4 3.27 -0.29 2.78
C PHE A 4 2.23 0.84 2.78
N GLY A 5 2.48 1.89 2.04
CA GLY A 5 1.49 3.01 2.01
C GLY A 5 0.83 3.07 0.63
N ALA A 6 1.28 2.27 -0.30
CA ALA A 6 0.68 2.28 -1.65
C ALA A 6 -0.54 1.39 -1.70
N ILE A 7 -0.51 0.37 -0.92
CA ILE A 7 -1.62 -0.58 -0.84
C ILE A 7 -2.58 -0.14 0.27
N LEU A 8 -2.12 0.71 1.13
CA LEU A 8 -2.97 1.21 2.24
C LEU A 8 -3.67 2.51 1.81
N SER A 9 -3.23 3.09 0.73
CA SER A 9 -3.86 4.35 0.23
C SER A 9 -5.04 4.02 -0.70
N SER A 10 -4.74 3.55 -1.90
CA SER A 10 -5.82 3.21 -2.85
C SER A 10 -5.32 2.17 -3.85
N SER A 1 1.02 -2.65 -5.63
CA SER A 1 0.93 -2.60 -4.14
C SER A 1 1.61 -3.83 -3.53
N ASN A 2 2.12 -3.71 -2.33
CA ASN A 2 2.78 -4.86 -1.69
C ASN A 2 2.40 -4.93 -0.20
N ASN A 3 2.82 -3.97 0.58
CA ASN A 3 2.50 -3.96 2.03
C ASN A 3 3.12 -2.73 2.69
N PHE A 4 2.73 -1.56 2.26
CA PHE A 4 3.28 -0.31 2.84
C PHE A 4 2.21 0.79 2.80
N GLY A 5 2.47 1.88 2.12
CA GLY A 5 1.44 2.96 2.06
C GLY A 5 0.80 2.96 0.66
N ALA A 6 1.30 2.17 -0.25
CA ALA A 6 0.72 2.13 -1.61
C ALA A 6 -0.52 1.25 -1.64
N ILE A 7 -0.52 0.30 -0.79
CA ILE A 7 -1.64 -0.64 -0.67
C ILE A 7 -2.66 -0.09 0.34
N LEU A 8 -2.25 0.88 1.09
CA LEU A 8 -3.15 1.50 2.10
C LEU A 8 -3.97 2.63 1.48
N SER A 9 -4.23 2.57 0.20
CA SER A 9 -5.02 3.65 -0.46
C SER A 9 -5.84 3.07 -1.62
N SER A 10 -5.21 2.29 -2.46
CA SER A 10 -5.93 1.69 -3.61
C SER A 10 -5.25 0.40 -4.05
N SER A 1 7.42 0.27 -4.38
CA SER A 1 7.04 0.47 -2.95
C SER A 1 7.27 -0.82 -2.15
N ASN A 2 6.86 -0.85 -0.92
CA ASN A 2 7.06 -2.06 -0.10
C ASN A 2 5.77 -2.87 0.00
N ASN A 3 4.89 -2.52 0.90
CA ASN A 3 3.60 -3.27 1.04
C ASN A 3 2.76 -2.65 2.17
N PHE A 4 2.72 -1.34 2.25
CA PHE A 4 1.93 -0.68 3.33
C PHE A 4 1.36 0.63 2.83
N GLY A 5 2.23 1.52 2.50
CA GLY A 5 1.80 2.84 1.98
C GLY A 5 1.18 2.64 0.59
N ALA A 6 1.51 1.56 -0.06
CA ALA A 6 0.95 1.29 -1.40
C ALA A 6 -0.41 0.62 -1.29
N ILE A 7 -0.60 -0.07 -0.24
CA ILE A 7 -1.85 -0.78 0.00
C ILE A 7 -2.86 0.18 0.65
N LEU A 8 -2.38 1.26 1.17
CA LEU A 8 -3.28 2.25 1.80
C LEU A 8 -3.55 3.39 0.79
N SER A 9 -2.78 3.45 -0.25
CA SER A 9 -2.98 4.50 -1.28
C SER A 9 -3.94 4.00 -2.37
N SER A 10 -4.17 2.71 -2.42
CA SER A 10 -5.10 2.16 -3.44
C SER A 10 -5.72 0.86 -2.95
N SER A 1 5.74 0.76 -3.05
CA SER A 1 7.17 0.45 -2.74
C SER A 1 7.29 -0.93 -2.10
N ASN A 2 7.00 -1.05 -0.83
CA ASN A 2 7.09 -2.35 -0.16
C ASN A 2 5.71 -3.02 -0.08
N ASN A 3 4.90 -2.62 0.86
CA ASN A 3 3.54 -3.21 0.99
C ASN A 3 2.82 -2.63 2.21
N PHE A 4 2.82 -1.33 2.35
CA PHE A 4 2.13 -0.70 3.52
C PHE A 4 1.58 0.67 3.18
N GLY A 5 2.28 1.36 2.36
CA GLY A 5 1.83 2.71 1.94
C GLY A 5 1.09 2.59 0.60
N ALA A 6 1.46 1.60 -0.17
CA ALA A 6 0.81 1.38 -1.48
C ALA A 6 -0.50 0.66 -1.31
N ILE A 7 -0.61 -0.04 -0.24
CA ILE A 7 -1.84 -0.80 0.06
C ILE A 7 -2.86 0.15 0.68
N LEU A 8 -2.41 1.28 1.13
CA LEU A 8 -3.33 2.29 1.72
C LEU A 8 -3.88 3.23 0.64
N SER A 9 -3.99 2.76 -0.57
CA SER A 9 -4.52 3.64 -1.66
C SER A 9 -5.24 2.81 -2.72
N SER A 10 -4.54 1.95 -3.40
CA SER A 10 -5.18 1.11 -4.44
C SER A 10 -4.38 -0.17 -4.65
N SER A 1 9.60 -2.89 -4.08
CA SER A 1 9.00 -1.96 -3.10
C SER A 1 8.51 -2.72 -1.87
N ASN A 2 7.82 -2.05 -0.97
CA ASN A 2 7.33 -2.72 0.24
C ASN A 2 5.84 -3.09 0.07
N ASN A 3 5.03 -2.84 1.07
CA ASN A 3 3.58 -3.17 0.96
C ASN A 3 2.83 -2.62 2.18
N PHE A 4 2.81 -1.32 2.34
CA PHE A 4 2.10 -0.73 3.51
C PHE A 4 1.55 0.64 3.16
N GLY A 5 2.28 1.35 2.39
CA GLY A 5 1.83 2.71 1.95
C GLY A 5 1.11 2.57 0.60
N ALA A 6 1.47 1.56 -0.15
CA ALA A 6 0.83 1.33 -1.47
C ALA A 6 -0.49 0.63 -1.30
N ILE A 7 -0.61 -0.06 -0.21
CA ILE A 7 -1.84 -0.80 0.09
C ILE A 7 -2.86 0.16 0.71
N LEU A 8 -2.42 1.32 1.11
CA LEU A 8 -3.35 2.33 1.70
C LEU A 8 -3.98 3.19 0.60
N SER A 9 -4.27 2.62 -0.53
CA SER A 9 -4.88 3.41 -1.63
C SER A 9 -5.74 2.50 -2.53
N SER A 10 -5.11 1.60 -3.24
CA SER A 10 -5.88 0.69 -4.12
C SER A 10 -6.39 -0.52 -3.34
N SER A 1 9.05 -0.96 -3.98
CA SER A 1 8.21 -0.59 -2.80
C SER A 1 8.17 -1.76 -1.80
N ASN A 2 7.15 -1.81 -0.97
CA ASN A 2 7.04 -2.91 0.00
C ASN A 2 5.59 -3.40 0.08
N ASN A 3 4.78 -2.85 0.95
CA ASN A 3 3.37 -3.28 1.07
C ASN A 3 2.71 -2.58 2.26
N PHE A 4 3.04 -1.34 2.49
CA PHE A 4 2.43 -0.60 3.65
C PHE A 4 2.28 0.90 3.35
N GLY A 5 2.63 1.31 2.16
CA GLY A 5 2.49 2.75 1.79
C GLY A 5 1.84 2.81 0.41
N ALA A 6 1.26 1.71 0.00
CA ALA A 6 0.63 1.62 -1.32
C ALA A 6 -0.65 0.79 -1.25
N ILE A 7 -0.74 0.02 -0.22
CA ILE A 7 -1.91 -0.85 -0.02
C ILE A 7 -3.06 -0.03 0.58
N LEU A 8 -2.78 1.17 1.01
CA LEU A 8 -3.84 2.04 1.58
C LEU A 8 -4.60 2.76 0.46
N SER A 9 -4.10 2.67 -0.74
CA SER A 9 -4.76 3.35 -1.88
C SER A 9 -5.72 2.38 -2.58
N SER A 10 -5.25 1.20 -2.87
CA SER A 10 -6.11 0.20 -3.54
C SER A 10 -5.64 -1.22 -3.19
N SER A 1 4.37 -0.69 -3.99
CA SER A 1 5.40 -1.59 -4.55
C SER A 1 5.64 -2.78 -3.60
N ASN A 2 5.77 -2.52 -2.33
CA ASN A 2 6.01 -3.61 -1.37
C ASN A 2 4.70 -4.00 -0.67
N ASN A 3 4.33 -3.29 0.36
CA ASN A 3 3.06 -3.61 1.08
C ASN A 3 2.89 -2.67 2.29
N PHE A 4 2.75 -1.40 2.04
CA PHE A 4 2.58 -0.43 3.16
C PHE A 4 1.73 0.77 2.71
N GLY A 5 2.33 1.89 2.49
CA GLY A 5 1.56 3.08 2.03
C GLY A 5 0.97 2.78 0.65
N ALA A 6 1.48 1.76 0.01
CA ALA A 6 0.99 1.39 -1.34
C ALA A 6 -0.31 0.61 -1.24
N ILE A 7 -0.46 -0.07 -0.17
CA ILE A 7 -1.68 -0.88 0.06
C ILE A 7 -2.76 0.01 0.68
N LEU A 8 -2.38 1.16 1.13
CA LEU A 8 -3.36 2.11 1.74
C LEU A 8 -4.01 2.98 0.66
N SER A 9 -4.44 2.38 -0.42
CA SER A 9 -5.08 3.16 -1.51
C SER A 9 -6.10 2.30 -2.26
N SER A 10 -5.73 1.08 -2.56
CA SER A 10 -6.66 0.17 -3.27
C SER A 10 -6.32 -1.30 -2.96
N SER A 1 6.82 3.80 -1.01
CA SER A 1 6.22 2.90 -2.03
C SER A 1 6.54 1.44 -1.68
N ASN A 2 5.82 0.87 -0.76
CA ASN A 2 6.06 -0.54 -0.38
C ASN A 2 4.74 -1.26 -0.14
N ASN A 3 4.78 -2.35 0.57
CA ASN A 3 3.54 -3.12 0.85
C ASN A 3 2.86 -2.59 2.13
N PHE A 4 2.86 -1.30 2.33
CA PHE A 4 2.22 -0.72 3.54
C PHE A 4 1.59 0.62 3.20
N GLY A 5 2.29 1.36 2.42
CA GLY A 5 1.79 2.69 1.98
C GLY A 5 1.09 2.51 0.63
N ALA A 6 1.48 1.52 -0.11
CA ALA A 6 0.84 1.26 -1.43
C ALA A 6 -0.49 0.55 -1.24
N ILE A 7 -0.61 -0.10 -0.14
CA ILE A 7 -1.84 -0.82 0.20
C ILE A 7 -2.88 0.16 0.76
N LEU A 8 -2.45 1.35 1.07
CA LEU A 8 -3.39 2.38 1.61
C LEU A 8 -4.14 3.08 0.47
N SER A 9 -3.92 2.68 -0.75
CA SER A 9 -4.62 3.33 -1.90
C SER A 9 -4.77 2.34 -3.05
N SER A 10 -3.70 2.04 -3.74
CA SER A 10 -3.77 1.09 -4.86
C SER A 10 -2.41 0.43 -5.10
N SER A 1 7.86 0.79 -3.74
CA SER A 1 7.12 0.60 -2.46
C SER A 1 7.20 -0.88 -2.03
N ASN A 2 6.97 -1.15 -0.77
CA ASN A 2 7.03 -2.53 -0.28
C ASN A 2 5.61 -3.13 -0.18
N ASN A 3 4.86 -2.74 0.81
CA ASN A 3 3.49 -3.27 0.99
C ASN A 3 2.83 -2.61 2.20
N PHE A 4 2.99 -1.33 2.34
CA PHE A 4 2.37 -0.62 3.51
C PHE A 4 1.99 0.81 3.14
N GLY A 5 2.78 1.41 2.34
CA GLY A 5 2.50 2.80 1.88
C GLY A 5 1.89 2.75 0.48
N ALA A 6 1.30 1.64 0.14
CA ALA A 6 0.71 1.47 -1.19
C ALA A 6 -0.58 0.67 -1.12
N ILE A 7 -0.75 -0.04 -0.07
CA ILE A 7 -1.95 -0.87 0.14
C ILE A 7 -3.10 0.00 0.73
N LEU A 8 -2.88 1.28 0.89
CA LEU A 8 -3.97 2.16 1.42
C LEU A 8 -4.89 2.62 0.28
N SER A 9 -4.76 2.06 -0.89
CA SER A 9 -5.64 2.47 -2.02
C SER A 9 -5.85 1.31 -2.98
N SER A 10 -4.84 0.92 -3.71
CA SER A 10 -4.98 -0.21 -4.65
C SER A 10 -3.62 -0.87 -4.89
N SER A 1 8.87 0.59 -2.85
CA SER A 1 7.76 0.42 -1.88
C SER A 1 7.72 -1.03 -1.39
N ASN A 2 7.26 -1.24 -0.17
CA ASN A 2 7.19 -2.61 0.37
C ASN A 2 5.76 -3.16 0.25
N ASN A 3 4.89 -2.76 1.14
CA ASN A 3 3.49 -3.26 1.10
C ASN A 3 2.68 -2.59 2.22
N PHE A 4 2.98 -1.35 2.53
CA PHE A 4 2.23 -0.64 3.61
C PHE A 4 2.10 0.86 3.30
N GLY A 5 2.59 1.29 2.17
CA GLY A 5 2.49 2.73 1.80
C GLY A 5 1.81 2.80 0.43
N ALA A 6 1.31 1.67 -0.04
CA ALA A 6 0.66 1.60 -1.34
C ALA A 6 -0.63 0.81 -1.27
N ILE A 7 -0.73 0.01 -0.26
CA ILE A 7 -1.93 -0.83 -0.06
C ILE A 7 -3.02 -0.01 0.65
N LEU A 8 -2.74 1.21 0.99
CA LEU A 8 -3.78 2.08 1.64
C LEU A 8 -4.71 2.69 0.59
N SER A 9 -4.47 2.38 -0.67
CA SER A 9 -5.34 2.95 -1.75
C SER A 9 -6.51 2.01 -2.02
N SER A 10 -6.24 0.79 -2.38
CA SER A 10 -7.33 -0.17 -2.65
C SER A 10 -6.85 -1.61 -2.42
N SER A 1 6.44 -2.64 -4.93
CA SER A 1 7.37 -3.73 -4.50
C SER A 1 7.20 -4.03 -3.01
N ASN A 2 6.76 -3.06 -2.25
CA ASN A 2 6.57 -3.28 -0.80
C ASN A 2 5.11 -3.60 -0.50
N ASN A 3 4.62 -3.22 0.65
CA ASN A 3 3.22 -3.49 1.01
C ASN A 3 2.82 -2.66 2.24
N PHE A 4 2.73 -1.36 2.08
CA PHE A 4 2.36 -0.48 3.23
C PHE A 4 1.59 0.74 2.73
N GLY A 5 2.25 1.81 2.51
CA GLY A 5 1.57 3.04 2.00
C GLY A 5 1.00 2.73 0.62
N ALA A 6 1.49 1.69 0.00
CA ALA A 6 1.02 1.30 -1.34
C ALA A 6 -0.30 0.56 -1.25
N ILE A 7 -0.49 -0.11 -0.17
CA ILE A 7 -1.73 -0.87 0.06
C ILE A 7 -2.78 0.07 0.67
N LEU A 8 -2.34 1.18 1.17
CA LEU A 8 -3.28 2.17 1.77
C LEU A 8 -3.83 3.12 0.69
N SER A 9 -3.47 2.91 -0.54
CA SER A 9 -3.97 3.80 -1.63
C SER A 9 -4.03 3.03 -2.96
N SER A 10 -2.90 2.84 -3.60
CA SER A 10 -2.89 2.11 -4.87
C SER A 10 -1.51 1.48 -5.11
N SER A 1 -2.04 -2.68 4.17
CA SER A 1 -2.59 -4.07 4.23
C SER A 1 -1.74 -5.01 3.39
N ASN A 2 -0.97 -4.49 2.48
CA ASN A 2 -0.12 -5.35 1.62
C ASN A 2 1.30 -5.42 2.16
N ASN A 3 1.93 -4.28 2.33
CA ASN A 3 3.32 -4.25 2.86
C ASN A 3 3.86 -2.83 3.02
N PHE A 4 3.26 -1.89 2.37
CA PHE A 4 3.70 -0.49 2.45
C PHE A 4 2.46 0.38 2.58
N GLY A 5 2.50 1.59 2.13
CA GLY A 5 1.29 2.45 2.23
C GLY A 5 0.82 2.80 0.81
N ALA A 6 1.11 1.94 -0.14
CA ALA A 6 0.69 2.20 -1.54
C ALA A 6 -0.73 1.74 -1.76
N ILE A 7 -1.06 0.66 -1.15
CA ILE A 7 -2.39 0.07 -1.27
C ILE A 7 -3.30 0.61 -0.16
N LEU A 8 -2.69 1.11 0.87
CA LEU A 8 -3.45 1.68 2.01
C LEU A 8 -3.67 3.19 1.78
N SER A 9 -2.95 3.75 0.86
CA SER A 9 -3.11 5.21 0.56
C SER A 9 -4.21 5.41 -0.49
N SER A 10 -3.91 5.13 -1.73
CA SER A 10 -4.93 5.30 -2.79
C SER A 10 -4.61 4.40 -3.98
N SER A 1 -4.90 -4.33 2.24
CA SER A 1 -3.54 -3.81 2.56
C SER A 1 -2.46 -4.80 2.10
N ASN A 2 -1.38 -4.31 1.56
CA ASN A 2 -0.31 -5.21 1.10
C ASN A 2 0.85 -5.23 2.10
N ASN A 3 1.67 -4.21 2.10
CA ASN A 3 2.81 -4.17 3.05
C ASN A 3 3.57 -2.84 2.91
N PHE A 4 2.89 -1.82 2.49
CA PHE A 4 3.54 -0.49 2.32
C PHE A 4 2.49 0.58 2.57
N GLY A 5 2.63 1.71 1.95
CA GLY A 5 1.62 2.79 2.12
C GLY A 5 1.04 3.11 0.75
N ALA A 6 1.17 2.21 -0.19
CA ALA A 6 0.64 2.47 -1.55
C ALA A 6 -0.75 1.90 -1.73
N ILE A 7 -0.93 0.73 -1.25
CA ILE A 7 -2.22 0.03 -1.36
C ILE A 7 -3.09 0.30 -0.12
N LEU A 8 -2.48 0.74 0.93
CA LEU A 8 -3.24 1.05 2.17
C LEU A 8 -3.67 2.52 2.15
N SER A 9 -3.06 3.30 1.31
CA SER A 9 -3.42 4.74 1.21
C SER A 9 -4.48 4.94 0.12
N SER A 10 -5.45 4.05 0.06
CA SER A 10 -6.51 4.19 -0.96
C SER A 10 -7.78 3.48 -0.49
N SER A 1 -1.69 -8.66 -1.27
CA SER A 1 -0.21 -8.85 -1.34
C SER A 1 0.50 -7.49 -1.27
N ASN A 2 0.53 -6.88 -0.11
CA ASN A 2 1.20 -5.59 0.05
C ASN A 2 1.98 -5.53 1.37
N ASN A 3 2.64 -4.43 1.62
CA ASN A 3 3.42 -4.30 2.88
C ASN A 3 3.94 -2.86 3.00
N PHE A 4 3.24 -1.93 2.42
CA PHE A 4 3.66 -0.52 2.47
C PHE A 4 2.42 0.35 2.61
N GLY A 5 2.46 1.56 2.12
CA GLY A 5 1.27 2.43 2.20
C GLY A 5 0.79 2.78 0.79
N ALA A 6 1.10 1.94 -0.17
CA ALA A 6 0.67 2.21 -1.56
C ALA A 6 -0.75 1.76 -1.78
N ILE A 7 -1.08 0.68 -1.16
CA ILE A 7 -2.43 0.11 -1.27
C ILE A 7 -3.30 0.64 -0.14
N LEU A 8 -2.68 1.17 0.87
CA LEU A 8 -3.44 1.73 2.01
C LEU A 8 -3.72 3.22 1.76
N SER A 9 -3.08 3.79 0.78
CA SER A 9 -3.31 5.22 0.45
C SER A 9 -4.48 5.36 -0.54
N SER A 10 -5.00 4.27 -1.03
CA SER A 10 -6.13 4.34 -1.98
C SER A 10 -6.95 3.04 -1.92
N SER A 1 -0.33 -9.05 -2.01
CA SER A 1 1.06 -9.17 -1.49
C SER A 1 1.65 -7.78 -1.22
N ASN A 2 0.96 -6.95 -0.49
CA ASN A 2 1.45 -5.60 -0.21
C ASN A 2 2.10 -5.54 1.18
N ASN A 3 2.67 -4.42 1.53
CA ASN A 3 3.31 -4.27 2.85
C ASN A 3 3.85 -2.86 3.00
N PHE A 4 3.17 -1.90 2.43
CA PHE A 4 3.63 -0.50 2.50
C PHE A 4 2.40 0.40 2.61
N GLY A 5 2.47 1.60 2.11
CA GLY A 5 1.29 2.50 2.18
C GLY A 5 0.81 2.80 0.77
N ALA A 6 1.12 1.97 -0.18
CA ALA A 6 0.69 2.23 -1.58
C ALA A 6 -0.73 1.74 -1.78
N ILE A 7 -1.05 0.67 -1.17
CA ILE A 7 -2.39 0.08 -1.27
C ILE A 7 -3.25 0.58 -0.11
N LEU A 8 -2.64 1.12 0.89
CA LEU A 8 -3.38 1.64 2.05
C LEU A 8 -3.72 3.12 1.82
N SER A 9 -3.11 3.72 0.85
CA SER A 9 -3.40 5.15 0.55
C SER A 9 -4.57 5.26 -0.43
N SER A 10 -4.35 4.96 -1.68
CA SER A 10 -5.44 5.03 -2.67
C SER A 10 -5.15 4.12 -3.85
N SER A 1 -1.68 -9.02 1.37
CA SER A 1 -1.82 -8.52 -0.02
C SER A 1 -0.64 -7.62 -0.39
N ASN A 2 -0.28 -6.71 0.48
CA ASN A 2 0.84 -5.80 0.21
C ASN A 2 1.67 -5.59 1.49
N ASN A 3 2.21 -4.42 1.71
CA ASN A 3 3.02 -4.21 2.95
C ASN A 3 3.65 -2.81 2.94
N PHE A 4 2.96 -1.85 2.42
CA PHE A 4 3.51 -0.48 2.37
C PHE A 4 2.34 0.49 2.52
N GLY A 5 2.49 1.69 2.05
CA GLY A 5 1.38 2.65 2.14
C GLY A 5 0.89 2.97 0.73
N ALA A 6 1.16 2.09 -0.20
CA ALA A 6 0.72 2.33 -1.59
C ALA A 6 -0.68 1.81 -1.79
N ILE A 7 -0.93 0.71 -1.20
CA ILE A 7 -2.25 0.06 -1.30
C ILE A 7 -3.11 0.43 -0.09
N LEU A 8 -2.48 0.90 0.94
CA LEU A 8 -3.23 1.31 2.18
C LEU A 8 -3.71 2.76 2.06
N SER A 9 -3.71 3.32 0.87
CA SER A 9 -4.17 4.73 0.73
C SER A 9 -4.81 4.93 -0.65
N SER A 10 -5.32 3.88 -1.24
CA SER A 10 -5.96 4.00 -2.57
C SER A 10 -6.95 2.86 -2.78
N SER A 1 0.34 -9.78 0.10
CA SER A 1 0.68 -9.16 -1.22
C SER A 1 1.33 -7.79 -1.00
N ASN A 2 0.62 -6.88 -0.39
CA ASN A 2 1.17 -5.54 -0.16
C ASN A 2 1.72 -5.42 1.26
N ASN A 3 2.33 -4.32 1.61
CA ASN A 3 2.90 -4.16 2.97
C ASN A 3 3.58 -2.79 3.05
N PHE A 4 3.00 -1.80 2.43
CA PHE A 4 3.59 -0.46 2.43
C PHE A 4 2.45 0.55 2.56
N GLY A 5 2.60 1.72 2.02
CA GLY A 5 1.50 2.71 2.12
C GLY A 5 0.97 3.00 0.71
N ALA A 6 1.19 2.11 -0.22
CA ALA A 6 0.70 2.35 -1.60
C ALA A 6 -0.73 1.87 -1.75
N ILE A 7 -0.98 0.72 -1.27
CA ILE A 7 -2.31 0.11 -1.36
C ILE A 7 -3.14 0.39 -0.11
N LEU A 8 -2.50 0.82 0.94
CA LEU A 8 -3.24 1.13 2.19
C LEU A 8 -3.68 2.60 2.18
N SER A 9 -3.10 3.38 1.32
CA SER A 9 -3.48 4.82 1.23
C SER A 9 -4.61 5.01 0.21
N SER A 10 -5.56 4.10 0.18
CA SER A 10 -6.67 4.23 -0.77
C SER A 10 -7.90 3.49 -0.24
N SER A 1 -1.39 -9.05 1.18
CA SER A 1 -1.49 -8.55 -0.24
C SER A 1 -0.49 -7.41 -0.48
N ASN A 2 -0.10 -6.71 0.56
CA ASN A 2 0.86 -5.61 0.41
C ASN A 2 1.84 -5.57 1.58
N ASN A 3 2.49 -4.46 1.78
CA ASN A 3 3.46 -4.32 2.90
C ASN A 3 4.02 -2.91 2.93
N PHE A 4 3.25 -1.96 2.47
CA PHE A 4 3.71 -0.56 2.43
C PHE A 4 2.50 0.35 2.65
N GLY A 5 2.50 1.51 2.07
CA GLY A 5 1.33 2.42 2.23
C GLY A 5 0.81 2.78 0.85
N ALA A 6 1.09 1.97 -0.15
CA ALA A 6 0.63 2.27 -1.51
C ALA A 6 -0.78 1.75 -1.74
N ILE A 7 -1.07 0.66 -1.12
CA ILE A 7 -2.40 0.04 -1.24
C ILE A 7 -3.31 0.56 -0.12
N LEU A 8 -2.75 1.26 0.82
CA LEU A 8 -3.57 1.82 1.93
C LEU A 8 -4.15 3.18 1.54
N SER A 9 -4.71 3.28 0.37
CA SER A 9 -5.31 4.57 -0.07
C SER A 9 -6.47 4.33 -1.03
N SER A 10 -6.30 3.45 -1.98
CA SER A 10 -7.38 3.15 -2.94
C SER A 10 -7.21 1.74 -3.51
N SER A 1 5.81 2.10 -0.47
CA SER A 1 5.94 1.81 -1.92
C SER A 1 6.14 0.31 -2.15
N ASN A 2 5.69 -0.50 -1.24
CA ASN A 2 5.85 -1.96 -1.38
C ASN A 2 4.59 -2.67 -0.87
N ASN A 3 4.46 -2.78 0.42
CA ASN A 3 3.28 -3.45 1.00
C ASN A 3 2.82 -2.66 2.24
N PHE A 4 2.73 -1.36 2.12
CA PHE A 4 2.30 -0.53 3.27
C PHE A 4 1.56 0.72 2.78
N GLY A 5 2.29 1.75 2.50
CA GLY A 5 1.66 3.00 2.00
C GLY A 5 1.08 2.72 0.60
N ALA A 6 1.49 1.65 -0.01
CA ALA A 6 0.99 1.31 -1.36
C ALA A 6 -0.33 0.58 -1.26
N ILE A 7 -0.52 -0.09 -0.19
CA ILE A 7 -1.75 -0.85 0.06
C ILE A 7 -2.80 0.07 0.69
N LEU A 8 -2.38 1.21 1.15
CA LEU A 8 -3.32 2.18 1.77
C LEU A 8 -3.81 3.16 0.69
N SER A 9 -3.19 3.15 -0.46
CA SER A 9 -3.62 4.04 -1.57
C SER A 9 -3.30 3.40 -2.92
N SER A 10 -2.05 3.33 -3.27
CA SER A 10 -1.66 2.71 -4.56
C SER A 10 -0.23 2.19 -4.49
N SER A 1 6.76 1.88 -0.12
CA SER A 1 6.51 1.68 -1.58
C SER A 1 6.54 0.18 -1.91
N ASN A 2 6.02 -0.62 -1.04
CA ASN A 2 6.00 -2.09 -1.28
C ASN A 2 4.66 -2.68 -0.81
N ASN A 3 4.52 -2.92 0.46
CA ASN A 3 3.27 -3.47 0.99
C ASN A 3 2.86 -2.67 2.23
N PHE A 4 2.76 -1.38 2.09
CA PHE A 4 2.39 -0.52 3.25
C PHE A 4 1.61 0.71 2.77
N GLY A 5 2.31 1.77 2.52
CA GLY A 5 1.63 3.00 2.03
C GLY A 5 1.03 2.72 0.65
N ALA A 6 1.49 1.67 0.01
CA ALA A 6 0.98 1.30 -1.32
C ALA A 6 -0.35 0.56 -1.21
N ILE A 7 -0.52 -0.10 -0.12
CA ILE A 7 -1.76 -0.87 0.11
C ILE A 7 -2.82 0.08 0.70
N LEU A 8 -2.40 1.23 1.13
CA LEU A 8 -3.36 2.23 1.68
C LEU A 8 -3.91 3.11 0.56
N SER A 9 -4.18 2.53 -0.59
CA SER A 9 -4.72 3.34 -1.72
C SER A 9 -6.24 3.41 -1.63
N SER A 10 -6.81 2.89 -0.57
CA SER A 10 -8.28 2.93 -0.42
C SER A 10 -8.66 2.91 1.06
N SER A 1 7.96 3.14 -0.32
CA SER A 1 7.13 2.10 0.36
C SER A 1 7.11 0.81 -0.47
N ASN A 2 6.49 -0.22 0.04
CA ASN A 2 6.42 -1.49 -0.71
C ASN A 2 5.03 -2.12 -0.53
N ASN A 3 4.75 -2.61 0.64
CA ASN A 3 3.43 -3.23 0.90
C ASN A 3 2.84 -2.62 2.17
N PHE A 4 2.82 -1.31 2.25
CA PHE A 4 2.28 -0.64 3.47
C PHE A 4 1.58 0.64 3.08
N GLY A 5 2.31 1.49 2.45
CA GLY A 5 1.75 2.79 1.98
C GLY A 5 1.06 2.58 0.63
N ALA A 6 1.48 1.57 -0.08
CA ALA A 6 0.89 1.27 -1.41
C ALA A 6 -0.44 0.55 -1.25
N ILE A 7 -0.58 -0.10 -0.15
CA ILE A 7 -1.81 -0.84 0.15
C ILE A 7 -2.85 0.12 0.75
N LEU A 8 -2.43 1.31 1.08
CA LEU A 8 -3.38 2.31 1.66
C LEU A 8 -4.05 3.09 0.54
N SER A 9 -3.25 3.57 -0.35
CA SER A 9 -3.76 4.34 -1.51
C SER A 9 -2.78 4.26 -2.69
N SER A 10 -1.73 5.05 -2.65
CA SER A 10 -0.73 5.01 -3.73
C SER A 10 0.62 5.52 -3.24
N SER A 1 9.78 0.11 -1.82
CA SER A 1 8.37 -0.37 -1.95
C SER A 1 8.19 -1.67 -1.18
N ASN A 2 7.57 -1.62 -0.03
CA ASN A 2 7.38 -2.84 0.77
C ASN A 2 5.95 -3.38 0.58
N ASN A 3 4.98 -2.82 1.28
CA ASN A 3 3.57 -3.29 1.15
C ASN A 3 2.70 -2.61 2.22
N PHE A 4 2.98 -1.38 2.53
CA PHE A 4 2.18 -0.67 3.58
C PHE A 4 2.07 0.83 3.27
N GLY A 5 2.61 1.27 2.17
CA GLY A 5 2.52 2.71 1.79
C GLY A 5 1.82 2.79 0.44
N ALA A 6 1.31 1.68 -0.04
CA ALA A 6 0.65 1.64 -1.34
C ALA A 6 -0.65 0.84 -1.26
N ILE A 7 -0.74 0.03 -0.26
CA ILE A 7 -1.94 -0.81 -0.06
C ILE A 7 -3.04 0.01 0.66
N LEU A 8 -2.77 1.25 0.97
CA LEU A 8 -3.81 2.09 1.63
C LEU A 8 -4.79 2.67 0.58
N SER A 9 -4.63 2.30 -0.66
CA SER A 9 -5.53 2.81 -1.72
C SER A 9 -5.66 1.79 -2.86
N SER A 10 -5.71 0.53 -2.52
CA SER A 10 -5.83 -0.52 -3.56
C SER A 10 -6.46 -1.78 -2.98
N SER A 1 9.38 2.04 0.57
CA SER A 1 8.28 1.31 -0.14
C SER A 1 8.33 -0.18 0.20
N ASN A 2 7.64 -0.59 1.23
CA ASN A 2 7.66 -2.02 1.62
C ASN A 2 6.41 -2.73 1.09
N ASN A 3 5.28 -2.53 1.73
CA ASN A 3 4.03 -3.17 1.27
C ASN A 3 2.86 -2.72 2.16
N PHE A 4 2.88 -1.48 2.59
CA PHE A 4 1.77 -0.98 3.47
C PHE A 4 1.49 0.50 3.19
N GLY A 5 2.16 1.09 2.24
CA GLY A 5 1.90 2.52 1.91
C GLY A 5 1.13 2.55 0.59
N ALA A 6 1.42 1.62 -0.28
CA ALA A 6 0.73 1.54 -1.58
C ALA A 6 -0.63 0.87 -1.42
N ILE A 7 -0.72 0.10 -0.40
CA ILE A 7 -1.97 -0.64 -0.11
C ILE A 7 -2.93 0.30 0.63
N LEU A 8 -2.43 1.42 1.08
CA LEU A 8 -3.31 2.40 1.80
C LEU A 8 -3.99 3.34 0.79
N SER A 9 -3.78 3.13 -0.48
CA SER A 9 -4.42 4.00 -1.49
C SER A 9 -4.62 3.24 -2.81
N SER A 10 -4.96 1.99 -2.73
CA SER A 10 -5.16 1.19 -3.95
C SER A 10 -6.16 0.05 -3.69
N SER A 1 8.17 2.00 -1.47
CA SER A 1 7.61 1.32 -0.26
C SER A 1 7.64 -0.19 -0.45
N ASN A 2 7.35 -0.93 0.58
CA ASN A 2 7.37 -2.40 0.49
C ASN A 2 5.96 -2.95 0.26
N ASN A 3 5.06 -2.70 1.18
CA ASN A 3 3.67 -3.19 1.04
C ASN A 3 2.80 -2.64 2.18
N PHE A 4 2.81 -1.36 2.37
CA PHE A 4 2.00 -0.77 3.48
C PHE A 4 1.49 0.63 3.12
N GLY A 5 2.26 1.33 2.38
CA GLY A 5 1.85 2.69 1.94
C GLY A 5 1.13 2.59 0.60
N ALA A 6 1.47 1.58 -0.17
CA ALA A 6 0.83 1.37 -1.49
C ALA A 6 -0.51 0.68 -1.32
N ILE A 7 -0.63 -0.04 -0.27
CA ILE A 7 -1.87 -0.77 0.03
C ILE A 7 -2.88 0.18 0.69
N LEU A 8 -2.41 1.32 1.11
CA LEU A 8 -3.33 2.32 1.74
C LEU A 8 -3.95 3.23 0.67
N SER A 9 -4.44 2.65 -0.39
CA SER A 9 -5.07 3.47 -1.46
C SER A 9 -6.15 2.66 -2.18
N SER A 10 -5.80 1.52 -2.71
CA SER A 10 -6.79 0.69 -3.42
C SER A 10 -6.38 -0.78 -3.39
#